data_2VBP
#
_entry.id   2VBP
#
_cell.length_a   40.515
_cell.length_b   74.340
_cell.length_c   100.704
_cell.angle_alpha   90.00
_cell.angle_beta   90.00
_cell.angle_gamma   90.00
#
_symmetry.space_group_name_H-M   'P 21 21 21'
#
loop_
_entity.id
_entity.type
_entity.pdbx_description
1 polymer 'ISOPENICILLIN N SYNTHETASE'
2 non-polymer 'FE (II) ION'
3 non-polymer N^6^-[(1R)-2-{[(1S)-1-carboxypropyl]amino}-2-oxo-1-(sulfanylmethyl)ethyl]-6-oxo-L-lysine
4 non-polymer 'SULFATE ION'
5 water water
#
_entity_poly.entity_id   1
_entity_poly.type   'polypeptide(L)'
_entity_poly.pdbx_seq_one_letter_code
;MGSVSKANVPKIDVSPLFGDDQAAKMRVAQQIDAASRDTGFFYAVNHGINVQRLSQKTKEFHMSITPEEKWDLAIRAYNK
EHQDQVRAGYYLSIPGKKAVESFCYLNPNFTPDHPRIQAKTPTHEVNVWPDETKHPGFQDFAEQYYWDVFGLSSALLKGY
ALALGKEENFFARHFKPDDTLASVVLIRYPYLDPYPEAAIKTAADGTKLSFEWHEDVSLITVLYQSNVQNLQVETAAGYQ
DIEADDTGYLINCGSYMAHLTNNYYKAPIHRVKWVNAERQSLPFFVNLGYDSVIDPFDPREPNGKSDREPLSYGDYLQNG
LVSLINKNGQT
;
_entity_poly.pdbx_strand_id   A
#
loop_
_chem_comp.id
_chem_comp.type
_chem_comp.name
_chem_comp.formula
FE2 non-polymer 'FE (II) ION' 'Fe 2'
SO4 non-polymer 'SULFATE ION' 'O4 S -2'
#
# COMPACT_ATOMS: atom_id res chain seq x y z
N SER A 3 -27.61 0.13 11.42
CA SER A 3 -26.42 1.04 11.37
C SER A 3 -25.08 0.32 11.11
N VAL A 4 -24.02 1.13 10.98
CA VAL A 4 -22.73 0.66 10.47
C VAL A 4 -22.14 -0.48 11.28
N SER A 5 -22.04 -1.62 10.60
CA SER A 5 -21.58 -2.86 11.20
CA SER A 5 -21.58 -2.87 11.18
C SER A 5 -20.09 -2.95 11.05
N LYS A 6 -19.58 -4.10 11.47
CA LYS A 6 -18.17 -4.28 11.57
C LYS A 6 -17.63 -5.39 10.70
N ALA A 7 -16.53 -5.06 10.09
CA ALA A 7 -15.88 -5.99 9.18
C ALA A 7 -15.28 -7.16 9.93
N ASN A 8 -15.41 -8.36 9.38
CA ASN A 8 -14.68 -9.50 9.89
C ASN A 8 -13.31 -9.42 9.26
N VAL A 9 -12.32 -9.13 10.09
CA VAL A 9 -10.96 -8.99 9.69
C VAL A 9 -10.11 -9.91 10.58
N PRO A 10 -9.91 -11.12 10.13
CA PRO A 10 -9.22 -12.05 11.04
C PRO A 10 -7.78 -11.70 11.27
N LYS A 11 -7.26 -12.13 12.39
CA LYS A 11 -5.85 -12.04 12.68
C LYS A 11 -5.23 -13.38 12.35
N ILE A 12 -4.32 -13.34 11.37
CA ILE A 12 -3.66 -14.52 10.85
C ILE A 12 -2.15 -14.49 11.22
N ASP A 13 -1.75 -15.54 11.97
CA ASP A 13 -0.31 -15.72 12.30
C ASP A 13 0.40 -16.20 11.04
N VAL A 14 1.20 -15.27 10.48
CA VAL A 14 1.85 -15.53 9.19
C VAL A 14 3.21 -16.13 9.35
N SER A 15 3.64 -16.36 10.58
CA SER A 15 5.00 -16.87 10.82
C SER A 15 5.36 -18.16 10.12
N PRO A 16 4.40 -19.08 9.97
CA PRO A 16 4.80 -20.24 9.17
C PRO A 16 5.27 -19.95 7.75
N LEU A 17 4.84 -18.85 7.16
CA LEU A 17 5.27 -18.54 5.78
C LEU A 17 6.75 -18.23 5.63
N PHE A 18 7.42 -17.98 6.74
CA PHE A 18 8.88 -17.77 6.75
C PHE A 18 9.65 -19.10 6.93
N GLY A 19 8.95 -20.16 7.26
CA GLY A 19 9.58 -21.42 7.65
C GLY A 19 9.53 -22.52 6.62
N ASP A 20 9.77 -23.75 7.08
CA ASP A 20 9.84 -24.87 6.14
C ASP A 20 8.84 -25.97 6.48
N ASP A 21 7.79 -25.65 7.24
CA ASP A 21 6.74 -26.64 7.54
C ASP A 21 5.62 -26.38 6.53
N GLN A 22 5.60 -27.21 5.48
CA GLN A 22 4.78 -26.92 4.30
C GLN A 22 3.32 -27.04 4.64
N ALA A 23 2.92 -28.03 5.45
CA ALA A 23 1.49 -28.12 5.80
C ALA A 23 1.05 -26.89 6.65
N ALA A 24 1.94 -26.42 7.52
CA ALA A 24 1.64 -25.23 8.30
C ALA A 24 1.45 -24.04 7.40
N LYS A 25 2.26 -23.97 6.35
CA LYS A 25 2.01 -22.92 5.36
C LYS A 25 0.66 -23.02 4.69
N MET A 26 0.25 -24.24 4.35
CA MET A 26 -1.06 -24.45 3.73
C MET A 26 -2.14 -23.98 4.67
N ARG A 27 -2.00 -24.22 5.98
CA ARG A 27 -3.05 -23.80 6.91
C ARG A 27 -3.11 -22.30 6.98
N VAL A 28 -2.00 -21.61 6.80
CA VAL A 28 -2.05 -20.16 6.71
C VAL A 28 -2.71 -19.74 5.41
N ALA A 29 -2.36 -20.42 4.31
CA ALA A 29 -2.93 -20.11 3.01
C ALA A 29 -4.42 -20.26 3.03
N GLN A 30 -4.97 -21.23 3.74
CA GLN A 30 -6.42 -21.41 3.84
C GLN A 30 -7.04 -20.15 4.46
N GLN A 31 -6.41 -19.67 5.51
CA GLN A 31 -6.89 -18.47 6.22
C GLN A 31 -6.90 -17.25 5.29
N ILE A 32 -5.85 -17.13 4.48
CA ILE A 32 -5.75 -16.03 3.54
C ILE A 32 -6.81 -16.14 2.49
N ASP A 33 -7.01 -17.35 1.97
CA ASP A 33 -8.12 -17.65 1.06
C ASP A 33 -9.47 -17.18 1.64
N ALA A 34 -9.77 -17.64 2.86
CA ALA A 34 -11.04 -17.34 3.43
C ALA A 34 -11.23 -15.85 3.58
N ALA A 35 -10.22 -15.16 4.07
CA ALA A 35 -10.34 -13.71 4.24
C ALA A 35 -10.50 -13.02 2.89
N SER A 36 -9.76 -13.51 1.89
CA SER A 36 -9.78 -12.85 0.57
C SER A 36 -11.11 -13.00 -0.13
N ARG A 37 -11.80 -14.10 0.14
CA ARG A 37 -13.13 -14.30 -0.37
C ARG A 37 -14.21 -13.68 0.46
N ASP A 38 -13.93 -13.23 1.68
CA ASP A 38 -14.97 -12.63 2.56
C ASP A 38 -14.87 -11.12 2.36
N THR A 39 -14.38 -10.37 3.33
CA THR A 39 -14.31 -8.89 3.18
C THR A 39 -13.12 -8.43 2.38
N GLY A 40 -12.11 -9.29 2.26
CA GLY A 40 -10.94 -8.91 1.52
C GLY A 40 -9.80 -8.38 2.35
N PHE A 41 -9.97 -8.29 3.65
CA PHE A 41 -8.94 -7.82 4.55
C PHE A 41 -8.59 -8.83 5.63
N PHE A 42 -7.34 -8.82 6.08
CA PHE A 42 -6.92 -9.53 7.27
C PHE A 42 -5.79 -8.84 7.94
N TYR A 43 -5.53 -9.20 9.20
CA TYR A 43 -4.33 -8.68 9.90
C TYR A 43 -3.30 -9.78 9.92
N ALA A 44 -2.12 -9.42 9.46
CA ALA A 44 -0.95 -10.28 9.54
C ALA A 44 -0.28 -10.03 10.87
N VAL A 45 -0.21 -11.09 11.70
CA VAL A 45 0.43 -10.98 13.00
C VAL A 45 1.61 -11.96 13.09
N ASN A 46 2.47 -11.73 14.08
CA ASN A 46 3.70 -12.48 14.25
C ASN A 46 4.55 -12.36 13.01
N HIS A 47 4.72 -11.10 12.61
CA HIS A 47 5.35 -10.70 11.33
C HIS A 47 6.81 -10.34 11.44
N GLY A 48 7.33 -10.14 12.65
CA GLY A 48 8.73 -9.90 12.91
C GLY A 48 9.28 -8.50 12.64
N ILE A 49 8.44 -7.54 12.31
CA ILE A 49 8.88 -6.17 12.05
C ILE A 49 8.73 -5.33 13.31
N ASN A 50 9.73 -4.51 13.57
CA ASN A 50 9.67 -3.56 14.67
C ASN A 50 8.78 -2.41 14.30
N VAL A 51 7.47 -2.58 14.47
CA VAL A 51 6.53 -1.54 14.08
C VAL A 51 6.49 -0.38 15.06
N GLN A 52 6.91 -0.58 16.30
CA GLN A 52 6.98 0.55 17.21
C GLN A 52 8.08 1.52 16.76
N ARG A 53 9.26 1.04 16.37
CA ARG A 53 10.29 1.91 15.83
C ARG A 53 9.83 2.62 14.55
N LEU A 54 9.08 1.89 13.70
CA LEU A 54 8.59 2.50 12.43
C LEU A 54 7.73 3.71 12.78
N SER A 55 6.88 3.52 13.78
CA SER A 55 5.93 4.60 14.16
C SER A 55 6.73 5.79 14.77
N GLN A 56 7.72 5.45 15.60
CA GLN A 56 8.49 6.50 16.30
C GLN A 56 9.33 7.32 15.30
N LYS A 57 10.07 6.62 14.44
CA LYS A 57 10.97 7.28 13.48
C LYS A 57 10.13 8.14 12.51
N THR A 58 8.99 7.62 12.10
CA THR A 58 8.10 8.36 11.21
C THR A 58 7.56 9.61 11.88
N LYS A 59 7.10 9.50 13.11
CA LYS A 59 6.60 10.69 13.84
C LYS A 59 7.71 11.76 13.98
N GLU A 60 8.90 11.28 14.33
CA GLU A 60 10.06 12.19 14.47
C GLU A 60 10.31 12.99 13.18
N PHE A 61 10.21 12.29 12.05
CA PHE A 61 10.36 12.95 10.73
C PHE A 61 9.25 13.95 10.44
N HIS A 62 8.02 13.47 10.56
CA HIS A 62 6.89 14.35 10.29
C HIS A 62 6.86 15.59 11.16
N MET A 63 7.23 15.44 12.44
CA MET A 63 7.09 16.56 13.37
C MET A 63 8.30 17.49 13.35
N SER A 64 9.39 17.11 12.69
CA SER A 64 10.54 18.00 12.59
C SER A 64 10.80 18.60 11.21
N ILE A 65 10.22 18.02 10.14
CA ILE A 65 10.54 18.54 8.84
C ILE A 65 9.98 19.94 8.70
N THR A 66 10.74 20.87 8.11
CA THR A 66 10.29 22.24 8.05
C THR A 66 9.60 22.56 6.74
N PRO A 67 8.84 23.68 6.68
CA PRO A 67 8.29 24.09 5.37
C PRO A 67 9.31 24.25 4.27
N GLU A 68 10.48 24.77 4.59
CA GLU A 68 11.53 24.88 3.63
C GLU A 68 11.92 23.49 3.05
N GLU A 69 12.10 22.50 3.93
CA GLU A 69 12.49 21.16 3.48
C GLU A 69 11.37 20.52 2.67
N LYS A 70 10.12 20.83 3.00
CA LYS A 70 9.04 20.24 2.24
C LYS A 70 9.04 20.71 0.79
N TRP A 71 9.28 21.99 0.56
CA TRP A 71 9.37 22.50 -0.81
C TRP A 71 10.55 21.80 -1.49
N ASP A 72 11.69 21.73 -0.80
CA ASP A 72 12.86 21.12 -1.39
C ASP A 72 12.66 19.68 -1.84
N LEU A 73 11.80 18.95 -1.13
CA LEU A 73 11.53 17.54 -1.45
C LEU A 73 10.24 17.26 -2.24
N ALA A 74 9.52 18.34 -2.56
CA ALA A 74 8.19 18.21 -3.07
C ALA A 74 8.10 17.54 -4.41
N ILE A 75 7.05 16.74 -4.60
CA ILE A 75 6.74 16.19 -5.91
C ILE A 75 6.31 17.32 -6.87
N ARG A 76 6.29 17.01 -8.15
CA ARG A 76 5.99 18.03 -9.16
C ARG A 76 4.60 18.65 -9.07
N ALA A 77 3.67 17.92 -8.45
CA ALA A 77 2.32 18.46 -8.22
C ALA A 77 2.34 19.68 -7.35
N TYR A 78 3.37 19.85 -6.53
CA TYR A 78 3.52 20.99 -5.67
C TYR A 78 4.70 21.87 -6.01
N ASN A 79 5.63 21.38 -6.83
CA ASN A 79 6.84 22.15 -7.16
C ASN A 79 7.22 21.90 -8.60
N LYS A 80 6.88 22.82 -9.48
CA LYS A 80 7.15 22.67 -10.90
CA LYS A 80 7.16 22.68 -10.90
C LYS A 80 8.63 22.50 -11.24
N GLU A 81 9.53 22.89 -10.33
CA GLU A 81 10.96 22.65 -10.58
C GLU A 81 11.35 21.16 -10.58
N HIS A 82 10.49 20.27 -10.03
CA HIS A 82 10.86 18.90 -9.84
C HIS A 82 10.10 18.02 -10.81
N GLN A 83 10.30 18.25 -12.10
CA GLN A 83 9.56 17.49 -13.09
C GLN A 83 9.81 15.96 -13.07
N ASP A 84 10.96 15.51 -12.57
CA ASP A 84 11.19 14.06 -12.46
C ASP A 84 10.49 13.37 -11.30
N GLN A 85 9.90 14.13 -10.37
CA GLN A 85 9.28 13.60 -9.16
C GLN A 85 7.80 13.50 -9.36
N VAL A 86 7.39 12.44 -10.01
CA VAL A 86 6.00 12.16 -10.14
C VAL A 86 5.49 11.40 -8.92
N ARG A 87 6.26 10.42 -8.44
CA ARG A 87 5.89 9.55 -7.31
C ARG A 87 6.61 9.88 -6.00
N ALA A 88 7.94 9.98 -6.03
CA ALA A 88 8.74 9.98 -4.82
C ALA A 88 8.96 11.46 -4.37
N GLY A 89 8.81 11.69 -3.06
CA GLY A 89 9.04 13.00 -2.46
C GLY A 89 7.92 13.36 -1.51
N TYR A 90 7.86 14.69 -1.25
CA TYR A 90 6.92 15.20 -0.27
C TYR A 90 5.62 15.66 -0.92
N TYR A 91 4.50 15.27 -0.28
CA TYR A 91 3.14 15.60 -0.71
C TYR A 91 2.63 16.60 0.37
N LEU A 92 2.55 17.88 0.04
CA LEU A 92 2.33 18.91 1.08
C LEU A 92 0.84 19.00 1.48
N SER A 93 0.60 19.34 2.75
CA SER A 93 -0.68 19.75 3.17
C SER A 93 -0.95 21.16 2.66
N ILE A 94 -2.21 21.54 2.68
CA ILE A 94 -2.63 22.90 2.35
C ILE A 94 -3.55 23.35 3.47
N PRO A 95 -2.99 24.05 4.48
CA PRO A 95 -3.77 24.44 5.61
C PRO A 95 -5.04 25.15 5.19
N GLY A 96 -6.17 24.75 5.79
CA GLY A 96 -7.49 25.28 5.44
C GLY A 96 -8.18 24.47 4.36
N LYS A 97 -7.46 23.61 3.64
CA LYS A 97 -8.06 22.92 2.47
C LYS A 97 -7.77 21.45 2.43
N LYS A 98 -6.56 21.07 2.81
CA LYS A 98 -6.08 19.68 2.69
C LYS A 98 -5.25 19.36 3.91
N ALA A 99 -5.74 18.46 4.75
CA ALA A 99 -5.07 18.10 6.01
C ALA A 99 -3.92 17.16 5.85
N VAL A 100 -4.10 16.16 5.01
CA VAL A 100 -3.12 15.11 4.88
C VAL A 100 -1.81 15.61 4.26
N GLU A 101 -0.70 15.05 4.68
CA GLU A 101 0.57 15.25 4.00
C GLU A 101 1.34 13.92 4.11
N SER A 102 2.31 13.71 3.23
CA SER A 102 3.02 12.46 3.21
C SER A 102 4.36 12.59 2.54
N PHE A 103 5.12 11.50 2.69
CA PHE A 103 6.41 11.39 2.03
C PHE A 103 6.45 9.98 1.45
N CYS A 104 6.69 9.93 0.13
CA CYS A 104 6.77 8.62 -0.59
C CYS A 104 8.20 8.32 -1.08
N TYR A 105 8.64 7.06 -0.91
CA TYR A 105 9.84 6.62 -1.49
C TYR A 105 9.66 5.23 -2.13
N LEU A 106 10.56 4.98 -3.09
CA LEU A 106 10.62 3.82 -3.95
C LEU A 106 11.82 2.98 -3.59
N ASN A 107 12.01 1.97 -4.43
CA ASN A 107 13.13 1.00 -4.32
C ASN A 107 14.45 1.75 -4.19
N PRO A 108 15.17 1.59 -3.08
CA PRO A 108 16.47 2.21 -2.91
C PRO A 108 17.49 1.83 -3.96
N ASN A 109 17.22 0.76 -4.72
CA ASN A 109 18.11 0.32 -5.82
C ASN A 109 17.97 1.14 -7.10
N PHE A 110 16.98 2.03 -7.12
CA PHE A 110 16.84 2.94 -8.20
C PHE A 110 17.78 4.10 -8.00
N THR A 111 18.96 3.96 -8.55
CA THR A 111 19.98 5.01 -8.47
C THR A 111 20.25 5.46 -9.89
N PRO A 112 21.09 6.48 -10.08
CA PRO A 112 21.50 6.86 -11.43
C PRO A 112 22.14 5.74 -12.25
N ASP A 113 22.69 4.72 -11.59
CA ASP A 113 23.32 3.61 -12.29
C ASP A 113 22.28 2.66 -12.86
N HIS A 114 21.05 2.66 -12.35
CA HIS A 114 20.05 1.68 -12.76
C HIS A 114 19.61 1.92 -14.19
N PRO A 115 19.53 0.82 -14.99
CA PRO A 115 19.12 1.08 -16.38
C PRO A 115 17.75 1.67 -16.59
N ARG A 116 16.82 1.46 -15.66
CA ARG A 116 15.52 2.02 -15.86
C ARG A 116 15.55 3.51 -15.62
N ILE A 117 16.43 3.97 -14.75
CA ILE A 117 16.68 5.37 -14.61
C ILE A 117 17.42 5.96 -15.79
N GLN A 118 18.42 5.24 -16.28
CA GLN A 118 19.13 5.71 -17.48
C GLN A 118 18.15 5.86 -18.65
N ALA A 119 17.22 4.91 -18.80
CA ALA A 119 16.23 4.92 -19.89
C ALA A 119 15.08 5.84 -19.68
N LYS A 120 14.99 6.41 -18.50
CA LYS A 120 13.92 7.35 -18.15
C LYS A 120 12.54 6.67 -18.21
N THR A 121 12.46 5.40 -17.84
CA THR A 121 11.17 4.65 -17.89
C THR A 121 10.21 5.21 -16.87
N PRO A 122 8.96 5.44 -17.30
CA PRO A 122 7.98 5.91 -16.33
C PRO A 122 7.86 5.00 -15.11
N THR A 123 7.50 5.60 -13.99
CA THR A 123 7.27 5.02 -12.68
C THR A 123 8.56 4.72 -11.91
N HIS A 124 9.73 4.89 -12.55
CA HIS A 124 11.00 4.70 -11.88
C HIS A 124 11.60 6.08 -11.61
N GLU A 125 12.04 6.30 -10.38
CA GLU A 125 12.67 7.54 -9.94
C GLU A 125 13.69 7.24 -8.86
N VAL A 126 14.68 8.14 -8.77
CA VAL A 126 15.61 8.09 -7.69
C VAL A 126 14.99 8.83 -6.51
N ASN A 127 14.99 8.19 -5.37
CA ASN A 127 14.45 8.80 -4.17
C ASN A 127 15.16 10.09 -3.81
N VAL A 128 14.38 11.01 -3.20
CA VAL A 128 14.90 12.24 -2.62
C VAL A 128 14.81 12.13 -1.10
N TRP A 129 15.77 12.69 -0.40
CA TRP A 129 15.88 12.64 1.04
C TRP A 129 16.22 13.97 1.62
N PRO A 130 15.80 14.25 2.86
CA PRO A 130 16.28 15.40 3.60
C PRO A 130 17.75 15.28 3.94
N ASP A 131 18.36 16.39 4.35
CA ASP A 131 19.72 16.35 4.75
C ASP A 131 19.89 15.46 5.99
N GLU A 132 20.91 14.61 5.92
CA GLU A 132 21.16 13.65 6.97
C GLU A 132 21.36 14.36 8.29
N THR A 133 22.12 15.44 8.31
CA THR A 133 22.45 15.99 9.62
C THR A 133 21.23 16.63 10.26
N LYS A 134 20.30 17.16 9.44
CA LYS A 134 19.01 17.63 9.95
C LYS A 134 18.05 16.52 10.39
N HIS A 135 18.14 15.36 9.76
CA HIS A 135 17.28 14.19 10.06
C HIS A 135 18.15 12.96 10.28
N PRO A 136 18.92 12.98 11.38
CA PRO A 136 19.87 11.87 11.53
C PRO A 136 19.18 10.53 11.61
N GLY A 137 19.73 9.55 10.92
CA GLY A 137 19.18 8.20 10.92
C GLY A 137 17.94 7.97 10.07
N PHE A 138 17.32 9.01 9.51
CA PHE A 138 16.03 8.80 8.85
C PHE A 138 16.14 7.98 7.58
N GLN A 139 17.06 8.35 6.70
CA GLN A 139 17.21 7.62 5.48
C GLN A 139 17.58 6.17 5.73
N ASP A 140 18.50 5.97 6.65
CA ASP A 140 18.93 4.61 6.96
C ASP A 140 17.71 3.75 7.42
N PHE A 141 16.97 4.34 8.37
CA PHE A 141 15.80 3.75 8.88
C PHE A 141 14.83 3.39 7.74
N ALA A 142 14.59 4.40 6.91
CA ALA A 142 13.53 4.21 5.91
C ALA A 142 13.91 3.16 4.84
N GLU A 143 15.18 3.17 4.44
CA GLU A 143 15.67 2.18 3.49
C GLU A 143 15.60 0.76 4.12
N GLN A 144 16.05 0.59 5.35
CA GLN A 144 16.00 -0.73 6.00
C GLN A 144 14.53 -1.16 6.17
N TYR A 145 13.64 -0.22 6.49
CA TYR A 145 12.21 -0.54 6.58
C TYR A 145 11.66 -1.11 5.26
N TYR A 146 12.05 -0.48 4.15
CA TYR A 146 11.68 -0.95 2.84
C TYR A 146 12.05 -2.43 2.70
N TRP A 147 13.27 -2.82 3.08
CA TRP A 147 13.68 -4.20 2.91
C TRP A 147 13.02 -5.11 3.93
N ASP A 148 12.77 -4.61 5.15
CA ASP A 148 12.07 -5.41 6.14
C ASP A 148 10.68 -5.75 5.66
N VAL A 149 9.93 -4.74 5.22
CA VAL A 149 8.57 -4.99 4.74
C VAL A 149 8.54 -5.70 3.39
N PHE A 150 9.58 -5.50 2.58
CA PHE A 150 9.75 -6.32 1.40
C PHE A 150 9.79 -7.81 1.80
N GLY A 151 10.58 -8.13 2.81
CA GLY A 151 10.65 -9.54 3.24
C GLY A 151 9.36 -10.11 3.75
N LEU A 152 8.65 -9.34 4.59
CA LEU A 152 7.31 -9.78 4.99
C LEU A 152 6.41 -10.01 3.81
N SER A 153 6.45 -9.08 2.87
CA SER A 153 5.54 -9.12 1.73
C SER A 153 5.86 -10.35 0.85
N SER A 154 7.11 -10.67 0.68
CA SER A 154 7.48 -11.86 -0.10
CA SER A 154 7.45 -11.85 -0.12
C SER A 154 6.83 -13.10 0.51
N ALA A 155 6.90 -13.21 1.85
CA ALA A 155 6.27 -14.33 2.53
C ALA A 155 4.74 -14.31 2.34
N LEU A 156 4.13 -13.13 2.47
CA LEU A 156 2.67 -13.06 2.29
C LEU A 156 2.30 -13.51 0.86
N LEU A 157 3.09 -13.11 -0.14
CA LEU A 157 2.88 -13.55 -1.49
C LEU A 157 2.99 -15.05 -1.64
N LYS A 158 3.82 -15.70 -0.87
CA LYS A 158 3.83 -17.20 -0.84
C LYS A 158 2.46 -17.72 -0.37
N GLY A 159 1.94 -17.10 0.68
CA GLY A 159 0.61 -17.39 1.20
C GLY A 159 -0.44 -17.32 0.14
N TYR A 160 -0.49 -16.21 -0.53
CA TYR A 160 -1.51 -15.97 -1.57
C TYR A 160 -1.36 -17.02 -2.69
N ALA A 161 -0.13 -17.29 -3.13
CA ALA A 161 0.08 -18.27 -4.19
C ALA A 161 -0.48 -19.65 -3.79
N LEU A 162 -0.10 -20.09 -2.59
CA LEU A 162 -0.56 -21.39 -2.11
C LEU A 162 -2.08 -21.38 -2.00
N ALA A 163 -2.63 -20.27 -1.52
CA ALA A 163 -4.12 -20.14 -1.39
C ALA A 163 -4.84 -20.37 -2.70
N LEU A 164 -4.22 -19.95 -3.81
CA LEU A 164 -4.81 -20.04 -5.16
C LEU A 164 -4.47 -21.31 -5.90
N GLY A 165 -3.83 -22.22 -5.19
CA GLY A 165 -3.53 -23.48 -5.78
C GLY A 165 -2.24 -23.56 -6.55
N LYS A 166 -1.41 -22.55 -6.38
CA LYS A 166 -0.18 -22.51 -7.12
C LYS A 166 1.01 -22.90 -6.27
N GLU A 167 2.19 -22.98 -6.91
CA GLU A 167 3.45 -23.13 -6.18
CA GLU A 167 3.48 -23.13 -6.21
C GLU A 167 3.78 -21.86 -5.47
N GLU A 168 4.49 -21.94 -4.35
CA GLU A 168 4.57 -20.75 -3.49
C GLU A 168 5.28 -19.56 -4.12
N ASN A 169 6.09 -19.75 -5.16
CA ASN A 169 6.77 -18.60 -5.79
CA ASN A 169 6.80 -18.62 -5.80
C ASN A 169 6.02 -17.96 -6.96
N PHE A 170 4.75 -18.33 -7.13
CA PHE A 170 4.01 -17.89 -8.33
C PHE A 170 3.99 -16.37 -8.47
N PHE A 171 3.81 -15.66 -7.34
CA PHE A 171 3.87 -14.18 -7.32
C PHE A 171 5.27 -13.67 -6.98
N ALA A 172 5.83 -14.32 -5.93
CA ALA A 172 7.09 -13.81 -5.37
C ALA A 172 8.20 -13.84 -6.39
N ARG A 173 8.15 -14.73 -7.36
CA ARG A 173 9.21 -14.76 -8.40
C ARG A 173 9.30 -13.43 -9.19
N HIS A 174 8.22 -12.67 -9.19
CA HIS A 174 8.11 -11.42 -9.93
C HIS A 174 8.43 -10.18 -9.06
N PHE A 175 8.75 -10.45 -7.78
CA PHE A 175 8.93 -9.42 -6.74
C PHE A 175 10.40 -9.53 -6.31
N LYS A 176 11.19 -8.61 -6.84
CA LYS A 176 12.66 -8.73 -6.78
C LYS A 176 13.29 -7.39 -6.35
N PRO A 177 14.31 -7.42 -5.47
CA PRO A 177 14.94 -6.17 -5.08
C PRO A 177 15.48 -5.34 -6.22
N ASP A 178 15.92 -5.99 -7.27
CA ASP A 178 16.49 -5.27 -8.39
C ASP A 178 15.49 -4.41 -9.22
N ASP A 179 14.22 -4.69 -9.19
CA ASP A 179 13.35 -4.02 -10.13
C ASP A 179 11.99 -3.71 -9.57
N THR A 180 11.71 -4.01 -8.30
CA THR A 180 10.33 -3.84 -7.83
C THR A 180 9.96 -2.34 -7.85
N LEU A 181 8.73 -2.12 -8.29
CA LEU A 181 8.11 -0.79 -8.26
C LEU A 181 7.36 -0.45 -6.99
N ALA A 182 7.57 -1.30 -5.99
CA ALA A 182 6.89 -1.13 -4.70
C ALA A 182 7.24 0.25 -4.10
N SER A 183 6.30 0.81 -3.34
CA SER A 183 6.52 2.06 -2.65
C SER A 183 6.09 2.01 -1.19
N VAL A 184 6.79 2.83 -0.43
CA VAL A 184 6.39 3.16 0.99
C VAL A 184 5.86 4.59 0.98
N VAL A 185 4.74 4.82 1.68
CA VAL A 185 4.21 6.18 1.86
C VAL A 185 4.02 6.42 3.35
N LEU A 186 4.70 7.44 3.87
CA LEU A 186 4.57 7.81 5.29
C LEU A 186 3.55 8.95 5.35
N ILE A 187 2.32 8.57 5.66
CA ILE A 187 1.18 9.52 5.68
C ILE A 187 0.88 10.03 7.10
N ARG A 188 0.82 11.36 7.21
CA ARG A 188 0.37 12.03 8.43
C ARG A 188 -1.02 12.59 8.24
N TYR A 189 -1.93 12.18 9.14
CA TYR A 189 -3.22 12.80 9.29
C TYR A 189 -3.20 13.55 10.60
N PRO A 190 -3.40 14.86 10.52
CA PRO A 190 -3.25 15.68 11.72
C PRO A 190 -4.47 15.87 12.59
N TYR A 191 -4.27 16.22 13.86
CA TYR A 191 -5.32 16.84 14.64
C TYR A 191 -5.35 18.33 14.36
N LEU A 192 -6.53 18.86 14.12
CA LEU A 192 -6.70 20.24 13.79
C LEU A 192 -7.90 20.78 14.51
N ASP A 193 -7.69 21.94 15.13
CA ASP A 193 -8.78 22.60 15.86
C ASP A 193 -8.76 24.07 15.53
N PRO A 194 -9.74 24.53 14.77
CA PRO A 194 -10.86 23.87 14.15
C PRO A 194 -10.42 23.06 12.94
N TYR A 195 -11.14 22.00 12.62
CA TYR A 195 -10.78 21.21 11.45
C TYR A 195 -11.58 21.80 10.31
N PRO A 196 -10.89 22.18 9.23
CA PRO A 196 -11.59 22.86 8.13
C PRO A 196 -12.49 21.89 7.38
N GLU A 197 -13.72 22.32 7.21
CA GLU A 197 -14.71 21.58 6.42
C GLU A 197 -14.26 21.34 4.99
N ALA A 198 -13.44 22.23 4.42
CA ALA A 198 -12.97 22.00 3.04
C ALA A 198 -12.15 20.73 2.90
N ALA A 199 -11.60 20.27 4.01
CA ALA A 199 -10.75 19.12 3.98
C ALA A 199 -11.51 17.83 4.27
N ILE A 200 -12.84 17.93 4.34
CA ILE A 200 -13.73 16.82 4.65
C ILE A 200 -14.64 16.64 3.44
N LYS A 201 -14.77 15.40 2.96
CA LYS A 201 -15.73 15.07 1.91
C LYS A 201 -16.92 14.38 2.49
N THR A 202 -18.08 14.56 1.88
CA THR A 202 -19.27 13.87 2.40
C THR A 202 -19.67 12.78 1.40
N ALA A 203 -19.71 11.53 1.86
CA ALA A 203 -20.13 10.39 1.02
C ALA A 203 -21.61 10.49 0.69
N ALA A 204 -21.99 9.78 -0.35
CA ALA A 204 -23.41 9.65 -0.69
C ALA A 204 -24.22 9.23 0.53
N ASP A 205 -23.68 8.34 1.36
CA ASP A 205 -24.44 7.83 2.50
C ASP A 205 -24.39 8.72 3.71
N GLY A 206 -23.75 9.90 3.57
CA GLY A 206 -23.66 10.92 4.61
C GLY A 206 -22.42 10.87 5.48
N THR A 207 -21.59 9.84 5.33
CA THR A 207 -20.41 9.68 6.19
C THR A 207 -19.39 10.72 5.80
N LYS A 208 -18.79 11.37 6.80
CA LYS A 208 -17.70 12.32 6.54
C LYS A 208 -16.40 11.55 6.34
N LEU A 209 -15.72 11.88 5.27
CA LEU A 209 -14.56 11.13 4.82
C LEU A 209 -13.31 12.05 4.66
N SER A 210 -12.15 11.46 4.89
CA SER A 210 -10.87 12.06 4.43
C SER A 210 -10.43 11.60 3.08
N PHE A 211 -10.86 10.40 2.65
CA PHE A 211 -10.44 9.88 1.37
C PHE A 211 -11.56 8.99 0.85
N GLU A 212 -11.98 9.25 -0.37
CA GLU A 212 -13.12 8.51 -0.92
C GLU A 212 -12.84 7.05 -1.33
N TRP A 213 -13.92 6.35 -1.65
CA TRP A 213 -13.86 4.98 -2.08
C TRP A 213 -12.87 4.81 -3.20
N HIS A 214 -12.19 3.68 -3.17
CA HIS A 214 -11.31 3.32 -4.24
C HIS A 214 -10.92 1.85 -4.04
N GLU A 215 -10.33 1.30 -5.10
CA GLU A 215 -9.60 0.04 -5.03
CA GLU A 215 -9.61 0.03 -5.02
C GLU A 215 -8.13 0.39 -5.07
N ASP A 216 -7.28 -0.41 -4.42
CA ASP A 216 -5.86 -0.13 -4.43
C ASP A 216 -5.23 -0.48 -5.78
N VAL A 217 -4.23 0.33 -6.14
CA VAL A 217 -3.34 0.09 -7.30
C VAL A 217 -2.13 -0.62 -6.71
N SER A 218 -2.19 -1.94 -6.78
CA SER A 218 -1.21 -2.84 -6.19
C SER A 218 -1.53 -4.26 -6.55
N LEU A 219 -0.61 -5.17 -6.30
CA LEU A 219 -0.87 -6.59 -6.20
C LEU A 219 -1.52 -6.87 -4.85
N ILE A 220 -0.80 -6.51 -3.77
CA ILE A 220 -1.35 -6.42 -2.42
C ILE A 220 -0.82 -5.16 -1.77
N THR A 221 -1.48 -4.76 -0.68
CA THR A 221 -1.11 -3.63 0.16
C THR A 221 -0.88 -4.11 1.56
N VAL A 222 0.22 -3.68 2.16
CA VAL A 222 0.66 -4.13 3.46
C VAL A 222 0.82 -2.89 4.34
N LEU A 223 -0.13 -2.67 5.24
CA LEU A 223 -0.37 -1.40 5.85
C LEU A 223 -0.22 -1.39 7.39
N TYR A 224 0.63 -0.47 7.89
CA TYR A 224 0.68 -0.17 9.30
C TYR A 224 -0.14 1.13 9.52
N GLN A 225 -0.97 1.10 10.56
CA GLN A 225 -1.69 2.31 11.02
C GLN A 225 -1.61 2.43 12.54
N SER A 226 -1.53 3.68 12.99
CA SER A 226 -1.75 4.13 14.35
C SER A 226 -3.05 3.60 14.90
N ASN A 227 -3.19 3.63 16.22
CA ASN A 227 -4.40 3.20 16.91
C ASN A 227 -5.52 4.22 16.88
N VAL A 228 -6.00 4.50 15.69
CA VAL A 228 -7.17 5.33 15.50
C VAL A 228 -7.97 4.71 14.42
N GLN A 229 -9.19 4.32 14.71
CA GLN A 229 -10.01 3.61 13.72
C GLN A 229 -10.45 4.63 12.63
N ASN A 230 -10.35 4.20 11.40
CA ASN A 230 -10.72 5.08 10.27
C ASN A 230 -11.18 4.36 9.02
N LEU A 231 -10.74 3.16 8.78
CA LEU A 231 -11.00 2.52 7.50
C LEU A 231 -12.38 1.84 7.49
N GLN A 232 -13.05 1.88 6.33
CA GLN A 232 -14.23 1.08 6.09
C GLN A 232 -14.10 0.36 4.78
N VAL A 233 -14.63 -0.90 4.74
CA VAL A 233 -14.67 -1.74 3.56
C VAL A 233 -16.11 -1.85 3.08
N GLU A 234 -16.30 -1.72 1.80
CA GLU A 234 -17.59 -1.95 1.20
C GLU A 234 -17.92 -3.44 1.09
N THR A 235 -19.13 -3.76 1.50
CA THR A 235 -19.71 -5.08 1.31
C THR A 235 -21.07 -4.88 0.71
N ALA A 236 -21.71 -5.99 0.34
CA ALA A 236 -23.05 -5.85 -0.23
C ALA A 236 -24.05 -5.25 0.76
N ALA A 237 -23.77 -5.40 2.05
CA ALA A 237 -24.60 -4.83 3.12
C ALA A 237 -24.14 -3.44 3.56
N GLY A 238 -23.24 -2.87 2.81
CA GLY A 238 -22.79 -1.51 2.98
C GLY A 238 -21.41 -1.45 3.56
N TYR A 239 -21.02 -0.25 3.98
CA TYR A 239 -19.67 -0.10 4.48
C TYR A 239 -19.58 -0.58 5.89
N GLN A 240 -18.47 -1.26 6.17
CA GLN A 240 -18.23 -1.83 7.48
C GLN A 240 -16.91 -1.32 8.02
N ASP A 241 -16.90 -0.99 9.32
CA ASP A 241 -15.69 -0.51 9.98
C ASP A 241 -14.66 -1.58 10.17
N ILE A 242 -13.40 -1.23 9.86
CA ILE A 242 -12.26 -2.08 10.15
C ILE A 242 -11.60 -1.59 11.42
N GLU A 243 -11.47 -2.48 12.40
CA GLU A 243 -10.94 -2.13 13.70
C GLU A 243 -9.45 -1.91 13.53
N ALA A 244 -8.91 -0.96 14.31
CA ALA A 244 -7.50 -0.67 14.31
C ALA A 244 -6.75 -1.76 15.08
N ASP A 245 -5.48 -1.96 14.72
CA ASP A 245 -4.56 -2.80 15.47
C ASP A 245 -3.16 -2.27 15.12
N ASP A 246 -2.56 -1.51 16.02
CA ASP A 246 -1.27 -0.87 15.80
C ASP A 246 -0.12 -1.81 16.08
N THR A 247 -0.38 -3.11 16.19
CA THR A 247 0.76 -4.05 16.19
C THR A 247 0.75 -4.98 14.99
N GLY A 248 -0.33 -5.06 14.21
CA GLY A 248 -0.48 -5.98 13.10
C GLY A 248 -0.35 -5.18 11.80
N TYR A 249 -0.18 -5.87 10.69
CA TYR A 249 -0.29 -5.25 9.39
C TYR A 249 -1.60 -5.58 8.78
N LEU A 250 -2.29 -4.55 8.28
CA LEU A 250 -3.56 -4.77 7.57
C LEU A 250 -3.20 -5.08 6.11
N ILE A 251 -3.74 -6.20 5.63
CA ILE A 251 -3.44 -6.70 4.28
C ILE A 251 -4.69 -6.74 3.45
N ASN A 252 -4.58 -6.33 2.18
CA ASN A 252 -5.65 -6.44 1.18
C ASN A 252 -5.09 -6.60 -0.18
N CYS A 253 -5.89 -7.13 -1.08
CA CYS A 253 -5.50 -7.19 -2.50
C CYS A 253 -5.80 -5.88 -3.23
N GLY A 254 -4.98 -5.62 -4.24
CA GLY A 254 -5.14 -4.58 -5.20
C GLY A 254 -5.74 -5.05 -6.50
N SER A 255 -5.98 -4.11 -7.41
CA SER A 255 -6.70 -4.46 -8.59
C SER A 255 -5.91 -5.37 -9.54
N TYR A 256 -4.58 -5.45 -9.41
CA TYR A 256 -3.84 -6.35 -10.28
C TYR A 256 -4.20 -7.79 -9.88
N MET A 257 -4.33 -8.08 -8.58
CA MET A 257 -4.73 -9.43 -8.11
C MET A 257 -6.13 -9.75 -8.59
N ALA A 258 -7.05 -8.78 -8.52
CA ALA A 258 -8.39 -9.02 -9.02
C ALA A 258 -8.39 -9.38 -10.49
N HIS A 259 -7.59 -8.67 -11.26
CA HIS A 259 -7.57 -8.93 -12.68
C HIS A 259 -7.10 -10.35 -12.97
N LEU A 260 -5.98 -10.70 -12.37
CA LEU A 260 -5.34 -11.96 -12.72
C LEU A 260 -6.10 -13.19 -12.17
N THR A 261 -6.94 -12.98 -11.17
CA THR A 261 -7.74 -14.09 -10.65
C THR A 261 -9.19 -14.05 -11.17
N ASN A 262 -9.47 -13.26 -12.22
CA ASN A 262 -10.87 -13.14 -12.71
C ASN A 262 -11.80 -12.83 -11.55
N ASN A 263 -11.37 -11.91 -10.72
CA ASN A 263 -12.16 -11.39 -9.62
C ASN A 263 -12.49 -12.41 -8.52
N TYR A 264 -11.78 -13.53 -8.51
CA TYR A 264 -11.98 -14.53 -7.45
C TYR A 264 -11.47 -13.92 -6.14
N TYR A 265 -10.30 -13.29 -6.15
CA TYR A 265 -9.86 -12.40 -5.07
C TYR A 265 -10.10 -10.98 -5.52
N LYS A 266 -11.19 -10.42 -5.08
CA LYS A 266 -11.52 -9.05 -5.42
C LYS A 266 -10.55 -8.05 -4.80
N ALA A 267 -10.41 -6.88 -5.41
CA ALA A 267 -9.77 -5.76 -4.79
C ALA A 267 -10.80 -4.98 -3.95
N PRO A 268 -10.83 -5.17 -2.62
CA PRO A 268 -11.93 -4.59 -1.89
C PRO A 268 -11.94 -3.07 -1.97
N ILE A 269 -13.15 -2.54 -2.17
CA ILE A 269 -13.44 -1.11 -2.19
C ILE A 269 -13.45 -0.67 -0.74
N HIS A 270 -12.67 0.35 -0.47
CA HIS A 270 -12.56 0.87 0.88
C HIS A 270 -12.38 2.41 0.83
N ARG A 271 -12.60 3.08 1.99
CA ARG A 271 -12.53 4.51 2.12
C ARG A 271 -12.06 4.83 3.54
N VAL A 272 -11.69 6.11 3.74
CA VAL A 272 -11.04 6.59 4.97
C VAL A 272 -12.00 7.59 5.60
N LYS A 273 -12.60 7.19 6.73
CA LYS A 273 -13.43 8.14 7.46
C LYS A 273 -12.63 9.36 7.94
N TRP A 274 -13.31 10.50 8.06
CA TRP A 274 -12.77 11.64 8.74
C TRP A 274 -12.83 11.34 10.26
N VAL A 275 -11.66 11.51 10.90
CA VAL A 275 -11.47 11.44 12.34
C VAL A 275 -10.54 12.61 12.73
N ASN A 276 -10.97 13.42 13.69
CA ASN A 276 -10.09 14.49 14.16
C ASN A 276 -9.14 13.98 15.22
N ALA A 277 -8.05 13.40 14.74
CA ALA A 277 -7.03 12.83 15.61
C ALA A 277 -5.74 12.68 14.84
N GLU A 278 -4.67 12.90 15.56
CA GLU A 278 -3.35 12.74 15.00
C GLU A 278 -3.07 11.26 14.81
N ARG A 279 -2.72 10.87 13.59
CA ARG A 279 -2.51 9.48 13.30
C ARG A 279 -1.59 9.28 12.12
N GLN A 280 -1.22 7.99 11.95
CA GLN A 280 -0.26 7.60 10.90
C GLN A 280 -0.93 6.53 10.07
N SER A 281 -0.66 6.63 8.76
CA SER A 281 -1.01 5.58 7.85
C SER A 281 0.23 5.31 6.95
N LEU A 282 0.81 4.08 7.05
CA LEU A 282 2.09 3.80 6.47
C LEU A 282 1.96 2.53 5.57
N PRO A 283 1.42 2.73 4.35
CA PRO A 283 1.32 1.61 3.43
C PRO A 283 2.59 1.27 2.71
N PHE A 284 2.71 -0.02 2.41
CA PHE A 284 3.66 -0.52 1.46
C PHE A 284 2.85 -1.17 0.35
N PHE A 285 2.97 -0.56 -0.84
CA PHE A 285 2.26 -1.03 -2.00
C PHE A 285 3.17 -2.01 -2.72
N VAL A 286 2.74 -3.23 -2.73
CA VAL A 286 3.47 -4.37 -3.30
C VAL A 286 3.21 -4.33 -4.79
N ASN A 287 4.20 -3.82 -5.52
CA ASN A 287 4.20 -3.71 -6.98
C ASN A 287 5.30 -4.62 -7.53
N LEU A 288 5.11 -5.13 -8.73
CA LEU A 288 6.07 -6.02 -9.38
C LEU A 288 7.08 -5.19 -10.23
N GLY A 289 7.77 -5.78 -11.18
CA GLY A 289 8.63 -5.05 -12.07
C GLY A 289 7.91 -4.53 -13.26
N TYR A 290 8.55 -3.59 -13.94
CA TYR A 290 7.88 -2.90 -15.02
C TYR A 290 7.37 -3.87 -16.09
N ASP A 291 8.15 -4.90 -16.40
CA ASP A 291 7.77 -5.78 -17.50
C ASP A 291 7.07 -7.04 -17.00
N SER A 292 6.86 -7.16 -15.69
CA SER A 292 6.28 -8.41 -15.14
C SER A 292 4.86 -8.62 -15.67
N VAL A 293 4.57 -9.85 -16.04
CA VAL A 293 3.25 -10.25 -16.51
C VAL A 293 2.88 -11.54 -15.82
N ILE A 294 1.73 -11.55 -15.17
CA ILE A 294 1.17 -12.78 -14.62
C ILE A 294 0.02 -13.20 -15.51
N ASP A 295 0.03 -14.46 -15.92
CA ASP A 295 -1.00 -15.03 -16.80
C ASP A 295 -2.23 -15.27 -15.94
N PRO A 296 -3.35 -14.62 -16.28
CA PRO A 296 -4.60 -14.83 -15.48
C PRO A 296 -5.17 -16.23 -15.50
N PHE A 297 -5.89 -16.56 -14.44
CA PHE A 297 -6.51 -17.86 -14.30
C PHE A 297 -7.72 -17.67 -13.42
N ASP A 298 -8.59 -18.69 -13.42
CA ASP A 298 -9.83 -18.62 -12.67
C ASP A 298 -9.94 -19.90 -11.88
N PRO A 299 -9.65 -19.86 -10.56
CA PRO A 299 -9.76 -21.06 -9.79
C PRO A 299 -11.17 -21.55 -9.54
N ARG A 300 -12.18 -20.89 -10.08
CA ARG A 300 -13.54 -21.43 -9.98
C ARG A 300 -13.83 -22.42 -11.10
N GLU A 301 -13.02 -22.44 -12.14
CA GLU A 301 -13.29 -23.29 -13.29
C GLU A 301 -12.47 -24.55 -13.20
N PRO A 302 -13.07 -25.69 -13.55
CA PRO A 302 -12.35 -26.93 -13.61
C PRO A 302 -11.02 -26.81 -14.38
N ASN A 303 -11.00 -26.12 -15.53
CA ASN A 303 -9.79 -26.05 -16.35
C ASN A 303 -8.96 -24.83 -16.02
N GLY A 304 -9.38 -24.12 -14.98
CA GLY A 304 -8.65 -22.99 -14.50
C GLY A 304 -8.52 -21.86 -15.49
N LYS A 305 -9.22 -21.94 -16.63
CA LYS A 305 -8.94 -20.98 -17.72
C LYS A 305 -9.66 -19.66 -17.55
N SER A 306 -8.91 -18.59 -17.86
CA SER A 306 -9.42 -17.24 -17.95
C SER A 306 -9.30 -16.69 -19.38
N ASP A 307 -10.24 -15.81 -19.77
CA ASP A 307 -10.17 -15.00 -20.97
C ASP A 307 -9.48 -13.64 -20.75
N ARG A 308 -9.21 -13.32 -19.48
CA ARG A 308 -8.58 -12.06 -19.09
C ARG A 308 -7.20 -11.94 -19.75
N GLU A 309 -6.89 -10.72 -20.17
CA GLU A 309 -5.68 -10.47 -20.89
C GLU A 309 -4.53 -10.36 -19.90
N PRO A 310 -3.44 -11.00 -20.18
CA PRO A 310 -2.28 -10.76 -19.34
C PRO A 310 -1.85 -9.31 -19.44
N LEU A 311 -1.56 -8.68 -18.33
CA LEU A 311 -1.24 -7.25 -18.34
C LEU A 311 0.14 -7.01 -17.83
N SER A 312 0.88 -6.18 -18.54
CA SER A 312 2.22 -5.79 -18.10
CA SER A 312 2.22 -5.79 -18.10
C SER A 312 2.09 -4.88 -16.88
N TYR A 313 2.86 -5.18 -15.83
CA TYR A 313 2.62 -4.53 -14.53
C TYR A 313 2.96 -3.03 -14.61
N GLY A 314 4.05 -2.67 -15.26
CA GLY A 314 4.43 -1.26 -15.27
C GLY A 314 3.39 -0.34 -15.89
N ASP A 315 2.87 -0.79 -17.03
CA ASP A 315 1.78 -0.06 -17.69
C ASP A 315 0.50 -0.01 -16.90
N TYR A 316 0.18 -1.08 -16.21
CA TYR A 316 -0.96 -1.11 -15.26
C TYR A 316 -0.78 -0.07 -14.17
N LEU A 317 0.43 -0.04 -13.60
CA LEU A 317 0.74 0.92 -12.53
C LEU A 317 0.66 2.37 -12.97
N GLN A 318 1.30 2.68 -14.10
CA GLN A 318 1.24 4.06 -14.56
C GLN A 318 -0.21 4.50 -14.72
N ASN A 319 -1.01 3.65 -15.35
CA ASN A 319 -2.38 4.01 -15.63
C ASN A 319 -3.17 4.15 -14.35
N GLY A 320 -2.95 3.23 -13.41
CA GLY A 320 -3.73 3.24 -12.21
C GLY A 320 -3.44 4.42 -11.32
N LEU A 321 -2.19 4.82 -11.28
CA LEU A 321 -1.80 5.90 -10.38
C LEU A 321 -2.38 7.21 -10.90
N VAL A 322 -2.36 7.38 -12.22
CA VAL A 322 -2.97 8.57 -12.83
C VAL A 322 -4.48 8.58 -12.64
N SER A 323 -5.11 7.42 -12.85
CA SER A 323 -6.55 7.34 -12.73
C SER A 323 -7.01 7.62 -11.31
N LEU A 324 -6.26 7.15 -10.33
CA LEU A 324 -6.59 7.42 -8.94
C LEU A 324 -6.50 8.90 -8.56
N ILE A 325 -5.48 9.59 -9.06
CA ILE A 325 -5.42 11.04 -8.85
C ILE A 325 -6.61 11.72 -9.50
N ASN A 326 -6.98 11.30 -10.72
CA ASN A 326 -8.12 11.95 -11.38
C ASN A 326 -9.44 11.74 -10.65
N LYS A 327 -9.63 10.53 -10.13
CA LYS A 327 -10.87 10.15 -9.43
C LYS A 327 -10.94 10.77 -8.03
N ASN A 328 -9.87 10.61 -7.27
CA ASN A 328 -9.93 10.93 -5.84
C ASN A 328 -9.10 12.11 -5.39
N GLY A 329 -8.45 12.79 -6.35
CA GLY A 329 -7.74 14.06 -6.10
C GLY A 329 -6.25 13.89 -5.81
N GLN A 330 -5.47 14.92 -6.04
CA GLN A 330 -4.06 14.88 -5.75
C GLN A 330 -3.87 14.80 -4.27
N THR A 331 -3.13 13.78 -3.84
CA THR A 331 -2.90 13.58 -2.39
C THR A 331 -1.70 14.38 -1.94
FE FE2 B . -6.35 2.09 -0.18
C1 VB1 C . 3.25 5.59 -5.39
C2 VB1 C . 2.41 6.28 -4.29
C3 VB1 C . 0.99 5.78 -4.65
CAV VB1 C . -4.54 7.74 1.63
C4 VB1 C . -0.05 6.43 -3.73
C7 VB1 C . -1.41 5.87 -4.17
C10 VB1 C . -2.51 6.53 -3.35
N11 VB1 C . -3.23 5.71 -2.64
C12 VB1 C . -4.38 6.24 -1.84
C13 VB1 C . -3.88 6.72 -0.50
N14 VB1 C . 2.52 7.77 -4.40
O15 VB1 C . -2.73 7.74 -3.31
C16 VB1 C . -5.35 5.07 -1.56
S17 VB1 C . -4.54 3.53 -0.95
O18 VB1 C . -2.71 6.66 -0.18
O19 VB1 C . 3.39 4.34 -5.34
O20 VB1 C . 3.75 6.39 -6.23
N29 VB1 C . -4.85 7.22 0.29
C31 VB1 C . -5.19 6.80 2.70
C32 VB1 C . -3.83 10.13 0.97
C33 VB1 C . -4.85 9.25 1.72
O42 VB1 C . -5.76 5.76 2.25
O43 VB1 C . -5.05 7.06 3.94
S SO4 D . -19.56 14.80 13.53
O1 SO4 D . -18.42 15.03 14.43
O2 SO4 D . -20.67 14.11 14.21
O3 SO4 D . -20.02 16.11 13.08
O4 SO4 D . -19.20 13.96 12.39
S SO4 E . 16.90 3.81 17.52
O1 SO4 E . 17.00 5.30 17.70
O2 SO4 E . 17.98 3.07 18.22
O3 SO4 E . 15.59 3.29 17.95
O4 SO4 E . 17.11 3.62 16.08
S SO4 F . -0.64 25.19 -13.36
O1 SO4 F . 0.07 25.11 -12.08
O2 SO4 F . -1.30 23.92 -13.66
O3 SO4 F . -1.65 26.26 -13.19
O4 SO4 F . 0.37 25.44 -14.39
#